data_6K0S
#
_entry.id   6K0S
#
_cell.length_a   132.557
_cell.length_b   132.557
_cell.length_c   76.179
_cell.angle_alpha   90.000
_cell.angle_beta   90.000
_cell.angle_gamma   90.000
#
_symmetry.space_group_name_H-M   'P 43 21 2'
#
loop_
_entity.id
_entity.type
_entity.pdbx_description
1 polymer Alpha-1,3-glucanase
2 branched alpha-D-glucopyranose-(1-3)-alpha-D-glucopyranose
3 branched alpha-D-glucopyranose-(1-3)-beta-D-glucopyranose
4 non-polymer 'SULFATE ION'
5 non-polymer 'CALCIUM ION'
6 non-polymer 'ACETIC ACID'
7 water water
#
_entity_poly.entity_id   1
_entity_poly.type   'polypeptide(L)'
_entity_poly.pdbx_seq_one_letter_code
;AGSVDTVSLYSGRGANMPFTIMEAESTSNATNGTKLTPNFKPGDYAGEASGRSSVYLDATGEYVEFTLTSPANAFVLRNA
VAENTTGTVSIYADGVSKGKFNVSSKFSYLYATPSTLGRLGYDNAPGAGLTAYWLYEDAQLMLDQVYPAGTKIKIQKDAG
DVSWIYVDLLETENVAPPQANPDPTKYVAVSASKSIDQALTEFRQDNTKKGIYIPAGEWTINSKIFLYGRATEIVGAGPW
YTKLVAPQSQSNTDVGFNISAAANGSTIRDLSAWGNYINRVDGPGKFIDGNGMQNVTVQNIWVEHFVCLYWGVNSSYNTF
KNNRIKNTFADGINMTNGSSYNVIDNNYARGTGDASFALFSATDSGGSYNVGNKYTNLTATNVRRAAAFAVYGGSDNLFQ
NLYGADTLTYPGITISSYSFGYNTLGFGDQDTVIDGATLDRTGGDFWTSVGADDKINEYQNFGAIWIYGGDRAIKNILIK
NVDINNPVYFGLMFQSMSPNNMVMQNIRVENVNINNPSRYGIKLVVRAEQGQGPAYGGASFTNVKVNNPGISAIYGEAQS
PNFTVTRVSGNNW
;
_entity_poly.pdbx_strand_id   A
#
# COMPACT_ATOMS: atom_id res chain seq x y z
N GLY A 12 15.13 1.94 7.42
CA GLY A 12 14.13 1.45 8.34
C GLY A 12 14.12 -0.04 8.67
N ARG A 13 13.89 -0.90 7.68
CA ARG A 13 13.68 -0.51 6.29
C ARG A 13 12.33 0.17 6.07
N GLY A 14 12.22 0.92 4.97
CA GLY A 14 10.97 1.54 4.59
C GLY A 14 10.87 2.99 5.02
N ALA A 15 9.62 3.45 5.12
CA ALA A 15 9.36 4.85 5.44
C ALA A 15 9.62 5.12 6.92
N ASN A 16 10.14 6.32 7.20
CA ASN A 16 10.34 6.80 8.57
C ASN A 16 9.13 7.67 8.88
N MET A 17 8.21 7.13 9.65
CA MET A 17 6.93 7.77 9.98
CA MET A 17 6.97 7.83 9.97
C MET A 17 6.89 8.15 11.45
N PRO A 18 6.11 9.17 11.82
CA PRO A 18 6.03 9.56 13.24
C PRO A 18 5.18 8.61 14.08
N PHE A 19 4.43 7.73 13.45
CA PHE A 19 3.64 6.77 14.19
C PHE A 19 4.39 5.44 14.32
N THR A 20 4.09 4.73 15.39
CA THR A 20 4.61 3.40 15.68
C THR A 20 3.50 2.38 15.43
N ILE A 21 3.83 1.26 14.80
CA ILE A 21 2.87 0.19 14.53
C ILE A 21 3.13 -0.92 15.53
N MET A 22 2.09 -1.34 16.26
CA MET A 22 2.22 -2.41 17.24
CA MET A 22 2.21 -2.41 17.25
C MET A 22 1.17 -3.48 16.98
N GLU A 23 1.62 -4.73 16.84
CA GLU A 23 0.70 -5.82 16.56
C GLU A 23 -0.02 -6.23 17.84
N ALA A 24 -1.34 -6.41 17.73
CA ALA A 24 -2.13 -6.81 18.90
C ALA A 24 -1.64 -8.14 19.47
N GLU A 25 -1.30 -9.08 18.60
CA GLU A 25 -0.99 -10.46 18.96
C GLU A 25 0.42 -10.65 19.52
N SER A 26 1.20 -9.58 19.66
CA SER A 26 2.55 -9.70 20.20
C SER A 26 2.53 -10.43 21.54
N THR A 27 3.53 -11.29 21.75
CA THR A 27 3.64 -12.00 23.02
C THR A 27 3.89 -11.05 24.19
N SER A 28 4.22 -9.79 23.90
CA SER A 28 4.39 -8.75 24.91
C SER A 28 3.06 -8.19 25.42
N ASN A 29 1.94 -8.56 24.79
CA ASN A 29 0.64 -7.95 25.06
C ASN A 29 -0.27 -8.93 25.79
N ALA A 30 -0.56 -8.62 27.05
CA ALA A 30 -1.49 -9.45 27.80
C ALA A 30 -2.86 -9.41 27.13
N THR A 31 -3.53 -10.56 27.11
CA THR A 31 -4.90 -10.59 26.62
C THR A 31 -5.63 -11.72 27.29
N ASN A 32 -6.94 -11.53 27.46
CA ASN A 32 -7.84 -12.62 27.81
C ASN A 32 -8.76 -12.97 26.64
N GLY A 33 -8.45 -12.50 25.44
CA GLY A 33 -9.19 -12.82 24.25
C GLY A 33 -8.50 -13.93 23.47
N THR A 34 -8.88 -14.06 22.20
CA THR A 34 -8.52 -15.22 21.39
C THR A 34 -7.53 -14.82 20.31
N LYS A 35 -6.29 -15.32 20.41
CA LYS A 35 -5.24 -14.99 19.46
CA LYS A 35 -5.25 -15.00 19.46
C LYS A 35 -5.33 -15.96 18.27
N LEU A 36 -5.47 -15.41 17.06
CA LEU A 36 -5.62 -16.26 15.89
C LEU A 36 -4.30 -16.89 15.48
N THR A 37 -4.35 -18.19 15.15
CA THR A 37 -3.20 -18.81 14.52
CA THR A 37 -3.23 -18.84 14.51
C THR A 37 -3.06 -18.30 13.09
N PRO A 38 -1.86 -18.00 12.64
CA PRO A 38 -1.67 -17.40 11.32
C PRO A 38 -1.97 -18.35 10.17
N ASN A 39 -2.48 -17.77 9.09
CA ASN A 39 -2.56 -18.43 7.80
C ASN A 39 -2.40 -17.36 6.72
N PHE A 40 -2.41 -17.79 5.45
CA PHE A 40 -2.24 -16.90 4.32
C PHE A 40 -3.51 -16.77 3.48
N LYS A 41 -4.69 -16.97 4.09
CA LYS A 41 -5.92 -17.07 3.32
C LYS A 41 -6.57 -15.70 3.14
N PRO A 42 -6.83 -15.25 1.91
CA PRO A 42 -7.73 -14.10 1.73
C PRO A 42 -9.12 -14.49 2.19
N GLY A 43 -9.89 -13.48 2.59
CA GLY A 43 -11.23 -13.76 3.09
C GLY A 43 -11.27 -14.35 4.47
N ASP A 44 -10.19 -14.25 5.22
CA ASP A 44 -10.04 -14.87 6.53
C ASP A 44 -9.53 -13.83 7.51
N TYR A 45 -10.05 -13.86 8.76
CA TYR A 45 -9.65 -12.84 9.72
C TYR A 45 -8.18 -12.95 10.13
N ALA A 46 -7.58 -14.14 10.03
CA ALA A 46 -6.14 -14.22 10.24
C ALA A 46 -5.39 -13.88 8.96
N GLY A 47 -5.78 -14.53 7.86
CA GLY A 47 -5.04 -14.35 6.61
C GLY A 47 -4.97 -12.90 6.15
N GLU A 48 -5.96 -12.08 6.51
CA GLU A 48 -5.99 -10.69 6.06
C GLU A 48 -5.43 -9.72 7.08
N ALA A 49 -5.04 -10.19 8.26
CA ALA A 49 -4.50 -9.33 9.29
C ALA A 49 -3.03 -9.02 9.05
N SER A 50 -2.60 -7.86 9.55
CA SER A 50 -1.18 -7.57 9.62
C SER A 50 -0.50 -8.62 10.51
N GLY A 51 0.62 -9.16 10.04
CA GLY A 51 1.23 -10.27 10.77
C GLY A 51 0.50 -11.58 10.66
N ARG A 52 -0.56 -11.64 9.83
CA ARG A 52 -1.43 -12.80 9.68
C ARG A 52 -2.07 -13.23 10.99
N SER A 53 -2.26 -12.30 11.92
CA SER A 53 -2.94 -12.62 13.16
C SER A 53 -3.58 -11.38 13.77
N SER A 54 -4.61 -11.62 14.58
CA SER A 54 -5.23 -10.58 15.37
CA SER A 54 -5.29 -10.60 15.35
C SER A 54 -5.69 -11.22 16.68
N VAL A 55 -6.16 -10.36 17.60
CA VAL A 55 -6.74 -10.85 18.84
C VAL A 55 -8.24 -10.56 18.78
N TYR A 56 -9.02 -11.63 18.89
CA TYR A 56 -10.47 -11.56 18.80
C TYR A 56 -11.06 -11.32 20.19
N LEU A 57 -11.80 -10.22 20.33
CA LEU A 57 -12.48 -9.88 21.58
C LEU A 57 -13.97 -10.16 21.39
N ASP A 58 -14.50 -11.09 22.19
CA ASP A 58 -15.81 -11.64 21.92
C ASP A 58 -16.69 -11.74 23.17
N ALA A 59 -16.29 -11.13 24.27
CA ALA A 59 -17.14 -11.08 25.46
C ALA A 59 -16.84 -9.78 26.19
N THR A 60 -17.84 -9.27 26.89
CA THR A 60 -17.63 -8.09 27.71
C THR A 60 -16.48 -8.34 28.67
N GLY A 61 -15.56 -7.38 28.73
CA GLY A 61 -14.38 -7.50 29.56
C GLY A 61 -13.16 -8.05 28.86
N GLU A 62 -13.29 -8.53 27.63
CA GLU A 62 -12.11 -9.02 26.91
C GLU A 62 -11.30 -7.85 26.38
N TYR A 63 -9.98 -7.98 26.45
CA TYR A 63 -9.09 -6.86 26.17
C TYR A 63 -7.81 -7.37 25.52
N VAL A 64 -7.07 -6.46 24.92
CA VAL A 64 -5.67 -6.70 24.61
C VAL A 64 -4.91 -5.47 25.09
N GLU A 65 -3.79 -5.70 25.77
CA GLU A 65 -3.04 -4.65 26.46
C GLU A 65 -1.76 -4.37 25.69
N PHE A 66 -1.66 -3.18 25.10
CA PHE A 66 -0.44 -2.70 24.46
C PHE A 66 0.39 -1.91 25.45
N THR A 67 1.67 -1.76 25.15
CA THR A 67 2.57 -0.89 25.91
C THR A 67 3.24 0.10 24.96
N LEU A 68 3.06 1.39 25.22
CA LEU A 68 3.67 2.38 24.35
C LEU A 68 5.19 2.27 24.38
N THR A 69 5.81 2.36 23.21
CA THR A 69 7.27 2.46 23.10
C THR A 69 7.73 3.86 22.71
N SER A 70 6.80 4.77 22.46
CA SER A 70 7.05 6.20 22.31
C SER A 70 5.83 6.93 22.83
N PRO A 71 5.96 8.22 23.17
CA PRO A 71 4.80 8.97 23.65
C PRO A 71 3.71 9.04 22.59
N ALA A 72 2.46 9.11 23.04
CA ALA A 72 1.34 9.15 22.10
C ALA A 72 0.15 9.91 22.68
N ASN A 73 -0.48 10.73 21.84
CA ASN A 73 -1.80 11.27 22.12
C ASN A 73 -2.82 10.83 21.08
N ALA A 74 -2.44 10.04 20.08
CA ALA A 74 -3.35 9.70 19.01
C ALA A 74 -3.13 8.26 18.57
N PHE A 75 -4.20 7.64 18.07
CA PHE A 75 -4.21 6.20 17.87
C PHE A 75 -5.00 5.83 16.64
N VAL A 76 -4.56 4.79 15.94
CA VAL A 76 -5.33 4.18 14.87
C VAL A 76 -5.44 2.69 15.16
N LEU A 77 -6.67 2.19 15.21
CA LEU A 77 -6.96 0.80 15.53
C LEU A 77 -7.41 0.10 14.25
N ARG A 78 -6.58 -0.81 13.73
CA ARG A 78 -7.00 -1.62 12.60
C ARG A 78 -7.76 -2.80 13.17
N ASN A 79 -8.98 -3.02 12.69
CA ASN A 79 -9.90 -3.93 13.33
C ASN A 79 -10.86 -4.49 12.30
N ALA A 80 -11.54 -5.58 12.67
CA ALA A 80 -12.64 -6.10 11.87
C ALA A 80 -13.86 -6.26 12.76
N VAL A 81 -15.00 -5.77 12.28
CA VAL A 81 -16.29 -5.92 12.94
C VAL A 81 -17.26 -6.55 11.94
N ALA A 82 -18.45 -6.87 12.44
CA ALA A 82 -19.45 -7.53 11.60
C ALA A 82 -19.86 -6.64 10.42
N GLU A 83 -20.26 -7.29 9.33
CA GLU A 83 -20.78 -6.57 8.18
C GLU A 83 -21.98 -5.71 8.59
N ASN A 84 -22.08 -4.52 7.96
CA ASN A 84 -23.21 -3.62 8.14
CA ASN A 84 -23.20 -3.60 8.14
C ASN A 84 -23.39 -3.21 9.61
N THR A 85 -22.28 -2.86 10.26
CA THR A 85 -22.39 -2.44 11.65
C THR A 85 -21.48 -1.27 11.93
N THR A 86 -21.90 -0.48 12.90
CA THR A 86 -21.09 0.57 13.51
CA THR A 86 -21.08 0.56 13.51
C THR A 86 -21.22 0.44 15.01
N GLY A 87 -20.22 0.93 15.73
CA GLY A 87 -20.29 0.90 17.18
C GLY A 87 -19.00 1.40 17.77
N THR A 88 -18.71 0.94 18.98
CA THR A 88 -17.53 1.41 19.70
C THR A 88 -16.71 0.24 20.24
N VAL A 89 -15.45 0.54 20.54
CA VAL A 89 -14.62 -0.29 21.42
C VAL A 89 -13.84 0.68 22.29
N SER A 90 -13.51 0.25 23.49
CA SER A 90 -13.05 1.17 24.53
C SER A 90 -11.52 1.22 24.61
N ILE A 91 -10.98 2.38 24.98
CA ILE A 91 -9.53 2.53 25.18
C ILE A 91 -9.26 2.97 26.60
N TYR A 92 -8.28 2.34 27.23
CA TYR A 92 -7.86 2.60 28.60
C TYR A 92 -6.39 2.98 28.62
N ALA A 93 -6.01 3.88 29.54
CA ALA A 93 -4.61 4.21 29.78
C ALA A 93 -4.30 3.90 31.24
N ASP A 94 -3.36 2.99 31.45
CA ASP A 94 -2.98 2.52 32.78
C ASP A 94 -4.21 2.13 33.61
N GLY A 95 -5.14 1.44 32.96
CA GLY A 95 -6.28 0.89 33.67
C GLY A 95 -7.46 1.82 33.83
N VAL A 96 -7.37 3.05 33.34
CA VAL A 96 -8.43 4.05 33.46
C VAL A 96 -9.03 4.28 32.08
N SER A 97 -10.36 4.21 31.99
CA SER A 97 -11.01 4.39 30.70
C SER A 97 -10.81 5.82 30.20
N LYS A 98 -10.49 5.96 28.91
CA LYS A 98 -10.19 7.27 28.34
C LYS A 98 -11.01 7.60 27.11
N GLY A 99 -11.74 6.66 26.52
CA GLY A 99 -12.60 7.01 25.42
C GLY A 99 -13.04 5.80 24.62
N LYS A 100 -13.60 6.08 23.45
CA LYS A 100 -14.15 5.04 22.59
C LYS A 100 -13.76 5.30 21.15
N PHE A 101 -13.25 4.27 20.49
CA PHE A 101 -13.09 4.31 19.04
C PHE A 101 -14.44 4.14 18.38
N ASN A 102 -14.63 4.84 17.26
CA ASN A 102 -15.78 4.64 16.38
C ASN A 102 -15.36 3.60 15.34
N VAL A 103 -15.83 2.36 15.51
CA VAL A 103 -15.47 1.28 14.60
C VAL A 103 -16.63 0.99 13.67
N SER A 104 -16.32 0.59 12.44
CA SER A 104 -17.35 0.45 11.44
C SER A 104 -16.86 -0.44 10.31
N SER A 105 -17.79 -1.16 9.68
CA SER A 105 -17.47 -1.89 8.46
C SER A 105 -17.98 -1.18 7.21
N LYS A 106 -18.26 0.13 7.30
CA LYS A 106 -18.77 0.85 6.14
C LYS A 106 -17.87 0.67 4.91
N PHE A 107 -16.56 0.69 5.10
CA PHE A 107 -15.62 0.65 3.99
C PHE A 107 -15.00 -0.71 3.74
N SER A 108 -15.27 -1.70 4.60
CA SER A 108 -14.76 -3.05 4.43
C SER A 108 -15.84 -3.96 3.83
N TYR A 109 -15.48 -5.24 3.66
CA TYR A 109 -16.32 -6.30 3.11
C TYR A 109 -16.63 -6.10 1.64
N LEU A 110 -15.74 -6.63 0.80
CA LEU A 110 -15.86 -6.62 -0.66
C LEU A 110 -15.98 -8.08 -1.10
N TYR A 111 -16.89 -8.35 -2.04
CA TYR A 111 -17.36 -9.71 -2.27
C TYR A 111 -16.85 -10.25 -3.60
N ALA A 112 -16.49 -11.53 -3.57
CA ALA A 112 -16.07 -12.26 -4.76
C ALA A 112 -16.23 -13.76 -4.48
N THR A 113 -15.59 -14.59 -5.29
CA THR A 113 -15.51 -16.02 -5.06
C THR A 113 -14.08 -16.45 -5.29
N PRO A 114 -13.68 -17.63 -4.83
CA PRO A 114 -12.28 -18.05 -5.01
C PRO A 114 -11.83 -18.08 -6.46
N SER A 115 -12.73 -18.28 -7.42
CA SER A 115 -12.36 -18.28 -8.83
C SER A 115 -12.62 -16.95 -9.51
N THR A 116 -13.01 -15.93 -8.76
CA THR A 116 -13.22 -14.61 -9.35
C THR A 116 -12.49 -13.54 -8.55
N LEU A 117 -11.25 -13.85 -8.13
CA LEU A 117 -10.48 -12.84 -7.40
C LEU A 117 -10.16 -11.63 -8.26
N GLY A 118 -10.32 -11.72 -9.59
CA GLY A 118 -10.22 -10.56 -10.43
C GLY A 118 -11.26 -9.49 -10.11
N ARG A 119 -12.31 -9.87 -9.40
CA ARG A 119 -13.32 -8.93 -8.94
C ARG A 119 -13.03 -8.34 -7.58
N LEU A 120 -11.93 -8.73 -6.92
CA LEU A 120 -11.63 -8.22 -5.58
C LEU A 120 -11.59 -6.70 -5.61
N GLY A 121 -12.37 -6.09 -4.72
CA GLY A 121 -12.45 -4.66 -4.58
C GLY A 121 -13.59 -4.00 -5.33
N TYR A 122 -14.14 -4.67 -6.35
CA TYR A 122 -15.14 -4.05 -7.24
C TYR A 122 -16.57 -4.14 -6.71
N ASP A 123 -16.90 -5.16 -5.93
CA ASP A 123 -18.30 -5.50 -5.69
C ASP A 123 -18.59 -5.43 -4.18
N ASN A 124 -19.40 -4.45 -3.79
CA ASN A 124 -19.62 -4.19 -2.38
CA ASN A 124 -19.64 -4.15 -2.38
C ASN A 124 -20.83 -4.90 -1.79
N ALA A 125 -21.63 -5.59 -2.62
CA ALA A 125 -22.83 -6.16 -2.03
C ALA A 125 -22.69 -7.67 -1.80
N PRO A 126 -23.18 -8.17 -0.67
CA PRO A 126 -23.24 -9.62 -0.48
C PRO A 126 -24.21 -10.25 -1.46
N GLY A 127 -24.08 -11.57 -1.61
CA GLY A 127 -24.93 -12.24 -2.57
C GLY A 127 -24.75 -13.74 -2.49
N ALA A 128 -25.67 -14.44 -3.16
CA ALA A 128 -25.64 -15.90 -3.21
C ALA A 128 -24.29 -16.40 -3.69
N GLY A 129 -23.67 -17.24 -2.87
CA GLY A 129 -22.41 -17.87 -3.23
C GLY A 129 -21.21 -16.96 -3.17
N LEU A 130 -21.35 -15.73 -2.67
CA LEU A 130 -20.24 -14.80 -2.58
C LEU A 130 -19.57 -14.87 -1.21
N THR A 131 -18.24 -14.76 -1.23
CA THR A 131 -17.42 -14.74 -0.02
C THR A 131 -17.01 -13.29 0.24
N ALA A 132 -16.96 -12.90 1.53
CA ALA A 132 -16.48 -11.58 1.92
C ALA A 132 -14.95 -11.55 2.02
N TYR A 133 -14.35 -10.53 1.42
CA TYR A 133 -12.92 -10.23 1.48
C TYR A 133 -12.74 -8.81 1.98
N TRP A 134 -11.49 -8.43 2.18
CA TRP A 134 -11.13 -7.07 2.60
C TRP A 134 -11.88 -6.70 3.89
N LEU A 135 -11.62 -7.50 4.92
CA LEU A 135 -12.44 -7.53 6.14
C LEU A 135 -12.05 -6.45 7.15
N TYR A 136 -10.82 -5.95 7.08
CA TYR A 136 -10.31 -5.01 8.09
C TYR A 136 -10.52 -3.56 7.67
N GLU A 137 -10.68 -2.70 8.67
CA GLU A 137 -10.72 -1.26 8.47
C GLU A 137 -10.20 -0.59 9.73
N ASP A 138 -10.21 0.74 9.73
CA ASP A 138 -9.47 1.51 10.72
C ASP A 138 -10.39 2.46 11.49
N ALA A 139 -10.04 2.70 12.75
CA ALA A 139 -10.68 3.73 13.55
C ALA A 139 -9.60 4.66 14.09
N GLN A 140 -9.86 5.97 14.03
CA GLN A 140 -8.90 7.00 14.42
C GLN A 140 -9.41 7.72 15.66
N LEU A 141 -8.51 7.99 16.62
CA LEU A 141 -8.92 8.60 17.87
C LEU A 141 -7.77 9.41 18.45
N MET A 142 -8.07 10.65 18.83
CA MET A 142 -7.12 11.49 19.55
CA MET A 142 -7.11 11.48 19.56
C MET A 142 -7.59 11.67 20.98
N LEU A 143 -6.67 11.55 21.93
CA LEU A 143 -6.92 11.76 23.35
C LEU A 143 -6.35 13.11 23.79
N ASP A 144 -6.90 13.64 24.89
CA ASP A 144 -6.52 14.99 25.32
C ASP A 144 -5.31 15.00 26.25
N GLN A 145 -4.46 13.99 26.18
CA GLN A 145 -3.20 13.99 26.92
C GLN A 145 -2.16 13.20 26.13
N VAL A 146 -0.90 13.62 26.23
CA VAL A 146 0.21 12.82 25.72
C VAL A 146 0.60 11.82 26.79
N TYR A 147 0.48 10.53 26.47
CA TYR A 147 0.86 9.48 27.40
C TYR A 147 2.29 9.03 27.12
N PRO A 148 3.12 8.84 28.15
CA PRO A 148 4.54 8.54 27.92
C PRO A 148 4.76 7.11 27.45
N ALA A 149 5.92 6.88 26.85
CA ALA A 149 6.37 5.52 26.62
C ALA A 149 6.27 4.73 27.92
N GLY A 150 5.86 3.47 27.79
CA GLY A 150 5.62 2.62 28.96
C GLY A 150 4.19 2.63 29.46
N THR A 151 3.35 3.56 29.00
CA THR A 151 1.93 3.52 29.34
C THR A 151 1.28 2.25 28.82
N LYS A 152 0.43 1.64 29.64
CA LYS A 152 -0.39 0.52 29.19
CA LYS A 152 -0.39 0.52 29.20
C LYS A 152 -1.64 1.06 28.51
N ILE A 153 -1.77 0.78 27.22
CA ILE A 153 -2.92 1.20 26.43
C ILE A 153 -3.72 -0.07 26.15
N LYS A 154 -4.88 -0.18 26.79
CA LYS A 154 -5.70 -1.38 26.71
C LYS A 154 -6.88 -1.10 25.78
N ILE A 155 -7.10 -1.99 24.82
CA ILE A 155 -8.30 -1.98 23.99
C ILE A 155 -9.23 -3.02 24.61
N GLN A 156 -10.41 -2.59 25.04
CA GLN A 156 -11.29 -3.45 25.83
C GLN A 156 -12.72 -3.34 25.34
N LYS A 157 -13.41 -4.48 25.29
CA LYS A 157 -14.80 -4.53 24.85
C LYS A 157 -15.69 -4.44 26.08
N ASP A 158 -16.24 -3.26 26.34
CA ASP A 158 -17.06 -3.01 27.51
C ASP A 158 -18.53 -3.15 27.16
N ALA A 159 -19.37 -3.09 28.19
CA ALA A 159 -20.81 -3.08 27.94
C ALA A 159 -21.16 -1.93 27.00
N GLY A 160 -21.98 -2.23 26.00
CA GLY A 160 -22.37 -1.23 25.03
C GLY A 160 -21.44 -1.10 23.83
N ASP A 161 -20.25 -1.70 23.88
CA ASP A 161 -19.38 -1.76 22.72
C ASP A 161 -19.90 -2.82 21.74
N VAL A 162 -19.21 -2.97 20.60
CA VAL A 162 -19.68 -3.90 19.57
C VAL A 162 -19.71 -5.33 20.10
N SER A 163 -20.51 -6.17 19.45
CA SER A 163 -20.68 -7.54 19.93
CA SER A 163 -20.68 -7.55 19.93
C SER A 163 -19.37 -8.33 19.86
N TRP A 164 -18.57 -8.08 18.83
CA TRP A 164 -17.27 -8.72 18.72
C TRP A 164 -16.39 -7.86 17.83
N ILE A 165 -15.08 -8.03 17.98
CA ILE A 165 -14.13 -7.23 17.20
C ILE A 165 -12.80 -7.96 17.16
N TYR A 166 -12.22 -8.05 15.97
CA TYR A 166 -10.85 -8.52 15.79
C TYR A 166 -9.93 -7.31 15.86
N VAL A 167 -8.98 -7.33 16.78
CA VAL A 167 -8.01 -6.24 16.95
C VAL A 167 -6.70 -6.68 16.29
N ASP A 168 -6.30 -5.97 15.22
CA ASP A 168 -5.16 -6.38 14.41
C ASP A 168 -3.88 -5.69 14.82
N LEU A 169 -3.88 -4.36 14.84
CA LEU A 169 -2.71 -3.58 15.21
C LEU A 169 -3.20 -2.25 15.74
N LEU A 170 -2.28 -1.53 16.36
CA LEU A 170 -2.51 -0.18 16.86
C LEU A 170 -1.38 0.71 16.35
N GLU A 171 -1.74 1.81 15.68
CA GLU A 171 -0.79 2.90 15.45
C GLU A 171 -0.83 3.81 16.67
N THR A 172 0.35 4.28 17.10
CA THR A 172 0.43 5.29 18.14
C THR A 172 1.26 6.46 17.63
N GLU A 173 0.87 7.68 17.99
CA GLU A 173 1.54 8.86 17.46
C GLU A 173 1.43 9.99 18.46
N ASN A 174 2.50 10.78 18.57
CA ASN A 174 2.49 12.02 19.34
C ASN A 174 2.29 13.16 18.35
N VAL A 175 1.07 13.65 18.24
CA VAL A 175 0.72 14.65 17.24
C VAL A 175 0.93 16.04 17.82
N ALA A 176 1.69 16.88 17.13
CA ALA A 176 1.90 18.25 17.55
C ALA A 176 0.59 19.03 17.47
N PRO A 177 0.48 20.15 18.19
CA PRO A 177 -0.70 21.02 18.04
C PRO A 177 -0.85 21.46 16.61
N PRO A 178 -2.06 21.86 16.20
CA PRO A 178 -2.27 22.27 14.79
C PRO A 178 -1.43 23.48 14.43
N GLN A 179 -0.96 23.51 13.19
CA GLN A 179 -0.20 24.64 12.69
C GLN A 179 -1.14 25.68 12.09
N ALA A 180 -0.87 26.94 12.40
CA ALA A 180 -1.70 28.07 12.03
C ALA A 180 -1.45 28.47 10.57
N ASN A 181 -2.28 29.39 10.08
CA ASN A 181 -2.03 30.01 8.80
C ASN A 181 -0.60 30.56 8.78
N PRO A 182 0.27 30.13 7.86
CA PRO A 182 1.65 30.63 7.87
C PRO A 182 1.74 32.14 7.75
N ASP A 183 0.81 32.76 7.02
CA ASP A 183 0.76 34.21 6.86
C ASP A 183 -0.58 34.58 6.28
N PRO A 184 -1.47 35.13 7.09
CA PRO A 184 -2.81 35.51 6.61
C PRO A 184 -2.81 36.49 5.45
N THR A 185 -1.72 37.25 5.24
CA THR A 185 -1.73 38.17 4.11
C THR A 185 -1.32 37.50 2.81
N LYS A 186 -0.84 36.26 2.88
CA LYS A 186 -0.38 35.53 1.71
C LYS A 186 -1.15 34.25 1.43
N TYR A 187 -1.82 33.69 2.43
CA TYR A 187 -2.62 32.49 2.27
C TYR A 187 -4.07 32.82 2.62
N VAL A 188 -4.94 32.78 1.61
CA VAL A 188 -6.37 33.02 1.82
C VAL A 188 -6.94 31.87 2.64
N ALA A 189 -7.58 32.18 3.77
CA ALA A 189 -8.07 31.14 4.64
C ALA A 189 -9.45 30.65 4.23
N VAL A 190 -9.58 29.33 4.08
CA VAL A 190 -10.89 28.71 4.08
C VAL A 190 -11.50 28.92 5.47
N SER A 191 -12.82 29.08 5.51
CA SER A 191 -13.51 29.36 6.76
C SER A 191 -14.91 28.77 6.69
N ALA A 192 -15.62 28.88 7.81
CA ALA A 192 -17.00 28.39 7.85
C ALA A 192 -17.87 28.99 6.74
N SER A 193 -17.54 30.19 6.27
CA SER A 193 -18.32 30.83 5.22
C SER A 193 -17.54 31.12 3.95
N LYS A 194 -16.30 30.63 3.83
CA LYS A 194 -15.53 30.78 2.60
C LYS A 194 -15.03 29.40 2.19
N SER A 195 -15.54 28.88 1.08
CA SER A 195 -15.22 27.53 0.65
C SER A 195 -13.81 27.47 0.05
N ILE A 196 -13.34 26.24 -0.16
CA ILE A 196 -12.06 26.02 -0.83
C ILE A 196 -12.05 26.68 -2.20
N ASP A 197 -13.12 26.49 -2.98
CA ASP A 197 -13.19 27.13 -4.30
C ASP A 197 -13.16 28.66 -4.19
N GLN A 198 -13.87 29.23 -3.20
CA GLN A 198 -13.88 30.69 -3.07
C GLN A 198 -12.52 31.23 -2.66
N ALA A 199 -11.82 30.51 -1.77
CA ALA A 199 -10.48 30.92 -1.39
C ALA A 199 -9.51 30.87 -2.57
N LEU A 200 -9.63 29.84 -3.40
CA LEU A 200 -8.77 29.74 -4.58
C LEU A 200 -9.06 30.84 -5.59
N THR A 201 -10.33 31.23 -5.74
CA THR A 201 -10.65 32.34 -6.63
C THR A 201 -10.00 33.64 -6.13
N GLU A 202 -10.11 33.89 -4.83
CA GLU A 202 -9.47 35.06 -4.24
CA GLU A 202 -9.47 35.08 -4.27
C GLU A 202 -7.95 35.00 -4.43
N PHE A 203 -7.37 33.82 -4.28
CA PHE A 203 -5.95 33.64 -4.53
C PHE A 203 -5.61 33.95 -6.00
N ARG A 204 -6.35 33.39 -6.95
CA ARG A 204 -6.01 33.56 -8.36
CA ARG A 204 -5.97 33.56 -8.35
C ARG A 204 -6.05 35.04 -8.76
N GLN A 205 -7.00 35.78 -8.21
CA GLN A 205 -7.20 37.16 -8.63
C GLN A 205 -6.35 38.17 -7.88
N ASP A 206 -5.48 37.72 -6.97
CA ASP A 206 -4.60 38.62 -6.21
C ASP A 206 -3.19 38.03 -6.25
N ASN A 207 -2.31 38.64 -7.07
CA ASN A 207 -0.96 38.13 -7.30
CA ASN A 207 -0.97 38.11 -7.29
C ASN A 207 -0.08 38.18 -6.06
N THR A 208 -0.50 38.87 -5.01
CA THR A 208 0.28 38.87 -3.78
C THR A 208 0.04 37.63 -2.93
N LYS A 209 -0.93 36.79 -3.29
CA LYS A 209 -1.22 35.58 -2.53
C LYS A 209 -0.37 34.43 -3.04
N LYS A 210 0.09 33.58 -2.10
CA LYS A 210 0.82 32.37 -2.44
C LYS A 210 -0.07 31.16 -2.54
N GLY A 211 -1.27 31.21 -1.96
CA GLY A 211 -2.13 30.05 -2.00
C GLY A 211 -3.24 30.18 -0.99
N ILE A 212 -3.69 29.03 -0.48
CA ILE A 212 -4.75 29.03 0.51
C ILE A 212 -4.30 28.22 1.72
N TYR A 213 -4.94 28.53 2.84
CA TYR A 213 -4.78 27.80 4.09
C TYR A 213 -6.11 27.20 4.48
N ILE A 214 -6.09 25.91 4.81
CA ILE A 214 -7.29 25.18 5.21
C ILE A 214 -7.15 24.83 6.69
N PRO A 215 -7.94 25.46 7.56
CA PRO A 215 -7.74 25.29 9.01
C PRO A 215 -8.11 23.90 9.49
N ALA A 216 -7.82 23.65 10.76
CA ALA A 216 -8.34 22.46 11.43
C ALA A 216 -9.84 22.38 11.25
N GLY A 217 -10.35 21.18 10.98
CA GLY A 217 -11.78 21.01 10.86
C GLY A 217 -12.14 19.98 9.81
N GLU A 218 -13.43 19.81 9.56
CA GLU A 218 -13.91 18.96 8.48
C GLU A 218 -14.49 19.86 7.40
N TRP A 219 -13.99 19.70 6.18
CA TRP A 219 -14.35 20.57 5.07
C TRP A 219 -14.83 19.73 3.91
N THR A 220 -16.07 19.97 3.47
CA THR A 220 -16.64 19.17 2.40
C THR A 220 -15.86 19.39 1.11
N ILE A 221 -15.47 18.29 0.47
CA ILE A 221 -15.05 18.32 -0.93
C ILE A 221 -16.09 17.50 -1.70
N ASN A 222 -17.01 18.20 -2.37
CA ASN A 222 -18.04 17.52 -3.15
C ASN A 222 -17.82 17.69 -4.64
N SER A 223 -16.62 18.08 -5.03
CA SER A 223 -16.32 18.35 -6.42
C SER A 223 -14.84 18.08 -6.64
N LYS A 224 -14.45 18.02 -7.90
CA LYS A 224 -13.06 18.15 -8.27
C LYS A 224 -12.70 19.63 -8.26
N ILE A 225 -11.70 19.98 -7.47
CA ILE A 225 -11.26 21.35 -7.29
C ILE A 225 -10.08 21.60 -8.22
N PHE A 226 -10.27 22.50 -9.19
CA PHE A 226 -9.27 22.73 -10.22
C PHE A 226 -8.27 23.80 -9.79
N LEU A 227 -6.99 23.48 -9.97
CA LEU A 227 -5.91 24.42 -9.72
C LEU A 227 -5.41 24.90 -11.07
N TYR A 228 -5.46 26.21 -11.29
CA TYR A 228 -5.02 26.80 -12.54
C TYR A 228 -4.58 28.24 -12.24
N GLY A 229 -4.31 29.00 -13.30
CA GLY A 229 -3.79 30.34 -13.13
C GLY A 229 -2.28 30.35 -12.96
N ARG A 230 -1.80 29.79 -11.85
CA ARG A 230 -0.37 29.75 -11.57
C ARG A 230 -0.13 28.71 -10.48
N ALA A 231 1.15 28.45 -10.20
CA ALA A 231 1.51 27.54 -9.12
C ALA A 231 0.84 27.99 -7.82
N THR A 232 0.22 27.03 -7.13
CA THR A 232 -0.65 27.27 -5.99
C THR A 232 -0.15 26.47 -4.80
N GLU A 233 -0.10 27.08 -3.62
CA GLU A 233 0.18 26.35 -2.40
C GLU A 233 -1.13 26.09 -1.67
N ILE A 234 -1.36 24.83 -1.27
CA ILE A 234 -2.51 24.47 -0.46
C ILE A 234 -1.96 23.88 0.82
N VAL A 235 -2.20 24.56 1.94
CA VAL A 235 -1.54 24.25 3.20
C VAL A 235 -2.61 24.03 4.26
N GLY A 236 -2.57 22.87 4.92
CA GLY A 236 -3.44 22.59 6.05
C GLY A 236 -2.74 22.79 7.38
N ALA A 237 -3.41 22.35 8.44
CA ALA A 237 -2.93 22.46 9.80
C ALA A 237 -2.22 21.20 10.28
N GLY A 238 -2.12 20.20 9.42
CA GLY A 238 -1.62 18.89 9.79
C GLY A 238 -2.69 17.85 9.47
N PRO A 239 -2.27 16.64 9.07
CA PRO A 239 -3.25 15.64 8.60
C PRO A 239 -4.22 15.16 9.68
N TRP A 240 -3.86 15.21 10.96
CA TRP A 240 -4.83 14.86 12.00
C TRP A 240 -5.86 15.95 12.24
N TYR A 241 -5.64 17.14 11.68
CA TYR A 241 -6.48 18.30 12.00
C TYR A 241 -7.31 18.80 10.84
N THR A 242 -6.68 19.05 9.69
CA THR A 242 -7.39 19.50 8.50
C THR A 242 -7.90 18.27 7.75
N LYS A 243 -9.22 18.09 7.70
CA LYS A 243 -9.83 16.92 7.07
C LYS A 243 -10.71 17.38 5.91
N LEU A 244 -10.35 16.98 4.69
CA LEU A 244 -11.19 17.20 3.52
C LEU A 244 -12.07 15.97 3.38
N VAL A 245 -13.38 16.15 3.37
CA VAL A 245 -14.32 15.04 3.55
C VAL A 245 -15.27 14.98 2.35
N ALA A 246 -15.22 13.88 1.62
CA ALA A 246 -16.23 13.61 0.59
C ALA A 246 -17.57 13.40 1.28
N PRO A 247 -18.69 13.81 0.65
CA PRO A 247 -20.00 13.68 1.31
C PRO A 247 -20.26 12.24 1.70
N GLN A 248 -20.33 11.97 3.00
CA GLN A 248 -20.32 10.58 3.44
C GLN A 248 -21.68 9.89 3.29
N SER A 249 -22.75 10.64 3.04
CA SER A 249 -24.02 10.02 2.68
C SER A 249 -24.11 9.70 1.19
N GLN A 250 -23.10 10.05 0.41
CA GLN A 250 -22.95 9.61 -0.97
C GLN A 250 -21.89 8.52 -1.03
N SER A 251 -21.84 7.81 -2.16
CA SER A 251 -20.83 6.80 -2.35
CA SER A 251 -20.86 6.76 -2.37
C SER A 251 -20.13 6.99 -3.69
N ASN A 252 -18.81 6.78 -3.67
CA ASN A 252 -18.00 6.75 -4.88
C ASN A 252 -18.07 8.06 -5.68
N THR A 253 -17.98 9.21 -5.00
CA THR A 253 -17.96 10.51 -5.67
CA THR A 253 -17.96 10.47 -5.73
C THR A 253 -16.54 10.89 -6.02
N ASP A 254 -16.30 11.32 -7.25
CA ASP A 254 -14.98 11.68 -7.75
C ASP A 254 -14.68 13.10 -7.31
N VAL A 255 -13.98 13.25 -6.19
CA VAL A 255 -13.71 14.55 -5.61
C VAL A 255 -12.23 14.64 -5.27
N GLY A 256 -11.78 15.86 -5.01
CA GLY A 256 -10.39 16.10 -4.70
C GLY A 256 -9.85 17.26 -5.51
N PHE A 257 -8.63 17.14 -6.02
CA PHE A 257 -7.99 18.21 -6.77
C PHE A 257 -7.66 17.73 -8.18
N ASN A 258 -7.67 18.67 -9.13
CA ASN A 258 -7.22 18.42 -10.49
C ASN A 258 -6.34 19.59 -10.87
N ILE A 259 -5.07 19.31 -11.15
CA ILE A 259 -4.03 20.32 -11.35
C ILE A 259 -3.82 20.52 -12.84
N SER A 260 -4.26 21.66 -13.36
CA SER A 260 -4.05 22.01 -14.76
C SER A 260 -2.60 22.45 -14.99
N ALA A 261 -2.20 22.50 -16.26
CA ALA A 261 -0.80 22.79 -16.58
C ALA A 261 -0.36 24.14 -16.02
N ALA A 262 -1.25 25.12 -16.02
CA ALA A 262 -0.90 26.44 -15.50
C ALA A 262 -0.48 26.38 -14.04
N ALA A 263 -0.90 25.34 -13.31
CA ALA A 263 -0.58 25.20 -11.89
C ALA A 263 0.50 24.18 -11.64
N ASN A 264 1.24 23.79 -12.68
CA ASN A 264 2.50 23.09 -12.43
C ASN A 264 3.32 23.88 -11.42
N GLY A 265 4.06 23.16 -10.58
CA GLY A 265 4.82 23.78 -9.51
C GLY A 265 4.06 23.96 -8.22
N SER A 266 2.81 23.51 -8.15
CA SER A 266 1.97 23.67 -6.97
C SER A 266 2.45 22.73 -5.85
N THR A 267 1.98 23.02 -4.64
CA THR A 267 2.27 22.24 -3.44
C THR A 267 0.96 22.02 -2.71
N ILE A 268 0.69 20.78 -2.31
CA ILE A 268 -0.44 20.42 -1.45
C ILE A 268 0.15 19.72 -0.24
N ARG A 269 -0.09 20.25 0.97
CA ARG A 269 0.58 19.67 2.12
C ARG A 269 -0.22 19.80 3.41
N ASP A 270 0.05 18.87 4.33
CA ASP A 270 -0.30 19.00 5.75
C ASP A 270 -1.81 18.89 5.97
N LEU A 271 -2.43 17.87 5.39
CA LEU A 271 -3.88 17.71 5.51
C LEU A 271 -4.22 16.27 5.23
N SER A 272 -5.47 15.92 5.51
CA SER A 272 -5.98 14.60 5.19
C SER A 272 -7.19 14.71 4.27
N ALA A 273 -7.47 13.62 3.56
CA ALA A 273 -8.61 13.58 2.66
C ALA A 273 -9.31 12.25 2.85
N TRP A 274 -10.59 12.31 3.12
CA TRP A 274 -11.40 11.16 3.52
C TRP A 274 -12.46 10.94 2.45
N GLY A 275 -12.18 10.02 1.53
CA GLY A 275 -13.08 9.77 0.42
C GLY A 275 -14.32 9.01 0.87
N ASN A 276 -15.22 8.83 -0.10
CA ASN A 276 -16.46 8.10 0.15
C ASN A 276 -16.60 6.89 -0.78
N TYR A 277 -15.50 6.44 -1.37
CA TYR A 277 -15.56 5.22 -2.17
C TYR A 277 -15.76 4.03 -1.24
N ILE A 278 -16.67 3.15 -1.64
CA ILE A 278 -16.88 1.87 -0.96
C ILE A 278 -16.55 0.69 -1.86
N ASN A 279 -16.15 0.94 -3.10
CA ASN A 279 -15.65 -0.10 -3.97
C ASN A 279 -14.83 0.56 -5.06
N ARG A 280 -14.11 -0.26 -5.81
CA ARG A 280 -13.28 0.22 -6.90
C ARG A 280 -14.13 0.62 -8.09
N VAL A 281 -13.76 1.73 -8.72
CA VAL A 281 -14.31 2.18 -10.00
C VAL A 281 -13.12 2.59 -10.85
N ASP A 282 -13.08 2.13 -12.10
CA ASP A 282 -11.93 2.38 -12.97
C ASP A 282 -12.23 3.58 -13.87
N GLY A 283 -11.44 4.64 -13.70
CA GLY A 283 -11.63 5.89 -14.39
C GLY A 283 -11.56 7.03 -13.40
N PRO A 284 -12.69 7.33 -12.76
CA PRO A 284 -12.69 8.31 -11.68
C PRO A 284 -12.05 7.73 -10.42
N GLY A 285 -11.87 8.59 -9.43
CA GLY A 285 -11.53 8.15 -8.09
C GLY A 285 -10.12 8.42 -7.62
N LYS A 286 -9.32 9.16 -8.35
CA LYS A 286 -8.01 9.55 -7.87
C LYS A 286 -8.15 10.85 -7.09
N PHE A 287 -7.58 10.89 -5.87
CA PHE A 287 -7.74 12.11 -5.08
C PHE A 287 -7.13 13.31 -5.80
N ILE A 288 -5.96 13.13 -6.39
CA ILE A 288 -5.32 14.17 -7.19
C ILE A 288 -5.26 13.69 -8.64
N ASP A 289 -5.83 14.48 -9.55
CA ASP A 289 -5.59 14.35 -10.97
C ASP A 289 -4.57 15.40 -11.39
N GLY A 290 -3.67 15.01 -12.28
CA GLY A 290 -2.72 15.97 -12.80
C GLY A 290 -2.01 15.37 -13.99
N ASN A 291 -2.73 15.16 -15.07
CA ASN A 291 -2.11 14.45 -16.19
C ASN A 291 -1.03 15.33 -16.82
N GLY A 292 0.16 14.75 -16.96
CA GLY A 292 1.31 15.48 -17.44
C GLY A 292 1.87 16.51 -16.48
N MET A 293 1.46 16.51 -15.21
CA MET A 293 1.89 17.59 -14.33
C MET A 293 3.39 17.54 -14.07
N GLN A 294 3.94 18.71 -13.77
CA GLN A 294 5.37 18.88 -13.58
C GLN A 294 5.61 19.66 -12.30
N ASN A 295 6.68 19.31 -11.58
CA ASN A 295 7.21 20.08 -10.46
C ASN A 295 6.20 20.26 -9.33
N VAL A 296 5.26 19.34 -9.19
CA VAL A 296 4.24 19.41 -8.14
C VAL A 296 4.74 18.64 -6.93
N THR A 297 4.50 19.20 -5.73
CA THR A 297 4.87 18.56 -4.48
C THR A 297 3.62 18.22 -3.69
N VAL A 298 3.52 16.97 -3.26
CA VAL A 298 2.44 16.47 -2.43
C VAL A 298 3.09 15.92 -1.18
N GLN A 299 2.88 16.57 -0.04
CA GLN A 299 3.71 16.30 1.13
C GLN A 299 2.90 16.23 2.42
N ASN A 300 3.16 15.20 3.22
CA ASN A 300 2.51 15.06 4.53
C ASN A 300 0.98 15.14 4.42
N ILE A 301 0.44 14.43 3.43
CA ILE A 301 -1.01 14.25 3.39
C ILE A 301 -1.35 12.79 3.67
N TRP A 302 -2.56 12.59 4.19
CA TRP A 302 -3.08 11.30 4.62
C TRP A 302 -4.39 11.11 3.88
N VAL A 303 -4.47 10.10 3.01
CA VAL A 303 -5.62 9.91 2.15
CA VAL A 303 -5.59 9.91 2.11
C VAL A 303 -6.15 8.50 2.31
N GLU A 304 -7.49 8.39 2.35
CA GLU A 304 -8.16 7.11 2.49
C GLU A 304 -9.43 7.09 1.66
N HIS A 305 -9.81 5.88 1.24
CA HIS A 305 -11.13 5.64 0.65
C HIS A 305 -11.33 6.41 -0.66
N PHE A 306 -10.25 6.54 -1.41
CA PHE A 306 -10.28 6.85 -2.84
C PHE A 306 -9.87 5.61 -3.61
N VAL A 307 -9.98 5.67 -4.93
CA VAL A 307 -9.43 4.58 -5.75
C VAL A 307 -7.91 4.63 -5.73
N CYS A 308 -7.33 5.83 -5.98
CA CYS A 308 -5.90 6.01 -5.85
C CYS A 308 -5.60 7.36 -5.21
N LEU A 309 -4.36 7.51 -4.72
CA LEU A 309 -3.89 8.86 -4.45
C LEU A 309 -3.59 9.59 -5.76
N TYR A 310 -2.78 8.96 -6.63
CA TYR A 310 -2.33 9.63 -7.84
C TYR A 310 -1.95 8.59 -8.89
N TRP A 311 -2.35 8.86 -10.13
CA TRP A 311 -2.07 8.00 -11.28
C TRP A 311 -1.46 8.88 -12.36
N GLY A 312 -0.13 8.93 -12.42
CA GLY A 312 0.55 9.85 -13.31
C GLY A 312 0.55 9.35 -14.75
N VAL A 313 0.43 10.30 -15.67
CA VAL A 313 0.50 10.03 -17.11
C VAL A 313 1.44 11.09 -17.69
N ASN A 314 2.65 10.65 -18.07
CA ASN A 314 3.70 11.56 -18.55
C ASN A 314 3.89 12.73 -17.57
N SER A 315 3.92 12.39 -16.28
CA SER A 315 4.06 13.35 -15.19
C SER A 315 5.47 13.24 -14.65
N SER A 316 6.21 14.35 -14.65
CA SER A 316 7.63 14.30 -14.35
C SER A 316 8.05 15.38 -13.36
N TYR A 317 9.17 15.11 -12.68
CA TYR A 317 9.79 16.05 -11.75
C TYR A 317 8.88 16.38 -10.57
N ASN A 318 8.00 15.45 -10.21
CA ASN A 318 7.11 15.66 -9.08
C ASN A 318 7.69 15.00 -7.83
N THR A 319 7.19 15.46 -6.67
CA THR A 319 7.67 14.96 -5.40
C THR A 319 6.46 14.55 -4.56
N PHE A 320 6.39 13.27 -4.18
CA PHE A 320 5.43 12.77 -3.21
C PHE A 320 6.24 12.33 -2.00
N LYS A 321 6.08 13.04 -0.87
CA LYS A 321 6.94 12.83 0.28
C LYS A 321 6.13 12.82 1.57
N ASN A 322 6.45 11.90 2.48
CA ASN A 322 5.90 11.88 3.86
C ASN A 322 4.39 11.65 3.89
N ASN A 323 3.84 10.99 2.88
CA ASN A 323 2.41 10.79 2.82
C ASN A 323 2.01 9.45 3.41
N ARG A 324 0.75 9.35 3.79
CA ARG A 324 0.13 8.11 4.25
C ARG A 324 -1.01 7.78 3.31
N ILE A 325 -1.00 6.58 2.73
CA ILE A 325 -2.02 6.16 1.78
C ILE A 325 -2.63 4.90 2.37
N LYS A 326 -3.89 4.98 2.80
CA LYS A 326 -4.47 3.84 3.48
C LYS A 326 -5.86 3.51 2.97
N ASN A 327 -6.12 2.21 2.84
CA ASN A 327 -7.47 1.71 2.59
C ASN A 327 -8.06 2.33 1.32
N THR A 328 -7.33 2.17 0.22
CA THR A 328 -7.78 2.60 -1.10
C THR A 328 -8.33 1.41 -1.88
N PHE A 329 -9.02 1.71 -2.99
CA PHE A 329 -9.66 0.62 -3.72
C PHE A 329 -8.89 0.20 -4.96
N ALA A 330 -7.82 0.90 -5.31
CA ALA A 330 -6.83 0.41 -6.25
C ALA A 330 -5.45 0.95 -5.87
N ASP A 331 -4.61 1.30 -6.85
CA ASP A 331 -3.20 1.61 -6.59
C ASP A 331 -3.04 2.78 -5.63
N GLY A 332 -1.92 2.80 -4.90
CA GLY A 332 -1.63 3.98 -4.11
C GLY A 332 -1.11 5.12 -4.97
N ILE A 333 0.10 4.95 -5.50
CA ILE A 333 0.67 5.87 -6.48
C ILE A 333 1.17 5.03 -7.65
N ASN A 334 0.76 5.38 -8.86
CA ASN A 334 1.24 4.74 -10.07
C ASN A 334 1.73 5.86 -11.00
N MET A 335 2.89 5.69 -11.59
CA MET A 335 3.44 6.67 -12.53
C MET A 335 3.60 5.97 -13.87
N THR A 336 2.92 6.48 -14.90
CA THR A 336 2.84 5.75 -16.16
C THR A 336 3.24 6.63 -17.34
N ASN A 337 3.47 5.96 -18.48
CA ASN A 337 3.44 6.58 -19.80
C ASN A 337 4.35 7.80 -19.91
N GLY A 338 5.62 7.59 -19.61
CA GLY A 338 6.63 8.63 -19.77
C GLY A 338 6.99 9.36 -18.49
N SER A 339 6.31 9.08 -17.39
CA SER A 339 6.58 9.76 -16.12
C SER A 339 8.02 9.52 -15.68
N SER A 340 8.77 10.60 -15.51
CA SER A 340 10.21 10.51 -15.32
C SER A 340 10.70 11.49 -14.24
N TYR A 341 11.83 11.14 -13.62
CA TYR A 341 12.51 12.02 -12.68
C TYR A 341 11.63 12.44 -11.50
N ASN A 342 10.72 11.54 -11.10
CA ASN A 342 9.89 11.80 -9.94
C ASN A 342 10.57 11.29 -8.67
N VAL A 343 10.25 11.94 -7.56
CA VAL A 343 10.78 11.62 -6.25
C VAL A 343 9.60 11.14 -5.41
N ILE A 344 9.53 9.82 -5.22
CA ILE A 344 8.49 9.19 -4.41
C ILE A 344 9.20 8.70 -3.15
N ASP A 345 9.19 9.51 -2.09
CA ASP A 345 10.10 9.31 -0.98
C ASP A 345 9.37 9.32 0.35
N ASN A 346 9.64 8.30 1.17
CA ASN A 346 9.20 8.30 2.58
C ASN A 346 7.69 8.36 2.68
N ASN A 347 7.02 7.47 1.96
CA ASN A 347 5.57 7.31 2.00
C ASN A 347 5.22 5.95 2.60
N TYR A 348 4.09 5.92 3.30
CA TYR A 348 3.58 4.73 3.96
C TYR A 348 2.24 4.37 3.35
N ALA A 349 2.10 3.13 2.89
CA ALA A 349 0.83 2.64 2.36
C ALA A 349 0.42 1.40 3.14
N ARG A 350 -0.86 1.34 3.51
CA ARG A 350 -1.42 0.13 4.10
C ARG A 350 -2.83 -0.06 3.57
N GLY A 351 -3.17 -1.28 3.12
CA GLY A 351 -4.51 -1.50 2.63
C GLY A 351 -4.83 -0.94 1.26
N THR A 352 -3.84 -0.78 0.37
CA THR A 352 -4.22 -0.39 -0.97
C THR A 352 -4.97 -1.55 -1.64
N GLY A 353 -5.78 -1.21 -2.64
CA GLY A 353 -6.63 -2.17 -3.32
C GLY A 353 -6.05 -2.71 -4.60
N ASP A 354 -4.87 -2.23 -4.97
CA ASP A 354 -4.06 -2.73 -6.08
C ASP A 354 -2.63 -2.30 -5.72
N ALA A 355 -1.72 -2.35 -6.68
CA ALA A 355 -0.31 -2.15 -6.35
C ALA A 355 -0.10 -0.87 -5.55
N SER A 356 0.62 -0.97 -4.42
CA SER A 356 0.75 0.20 -3.55
C SER A 356 1.57 1.29 -4.22
N PHE A 357 2.76 0.94 -4.71
CA PHE A 357 3.62 1.88 -5.42
C PHE A 357 4.01 1.22 -6.73
N ALA A 358 3.72 1.87 -7.84
CA ALA A 358 3.86 1.24 -9.13
C ALA A 358 4.47 2.19 -10.15
N LEU A 359 5.12 1.60 -11.14
CA LEU A 359 5.72 2.33 -12.25
C LEU A 359 5.42 1.52 -13.51
N PHE A 360 4.63 2.09 -14.42
CA PHE A 360 4.32 1.41 -15.68
C PHE A 360 4.89 2.22 -16.83
N SER A 361 5.93 1.70 -17.47
CA SER A 361 6.64 2.42 -18.50
C SER A 361 6.00 2.12 -19.85
N ALA A 362 5.71 3.18 -20.61
CA ALA A 362 5.13 3.02 -21.94
C ALA A 362 5.48 4.26 -22.76
N THR A 363 5.29 4.14 -24.06
CA THR A 363 5.58 5.26 -24.97
C THR A 363 4.47 6.31 -24.91
N GLY A 367 8.38 9.98 -26.37
CA GLY A 367 8.92 9.52 -25.10
C GLY A 367 9.06 8.00 -25.03
N SER A 368 10.30 7.53 -24.89
CA SER A 368 10.55 6.09 -24.92
C SER A 368 10.15 5.41 -23.61
N TYR A 369 10.84 5.74 -22.52
CA TYR A 369 10.69 5.04 -21.25
C TYR A 369 10.35 6.00 -20.13
N ASN A 370 9.73 5.46 -19.07
CA ASN A 370 9.81 6.11 -17.77
C ASN A 370 11.23 5.96 -17.25
N VAL A 371 11.91 7.08 -16.95
CA VAL A 371 13.31 7.04 -16.58
C VAL A 371 13.58 7.93 -15.38
N GLY A 372 14.62 7.58 -14.63
CA GLY A 372 15.16 8.49 -13.63
C GLY A 372 14.32 8.64 -12.39
N ASN A 373 13.33 7.78 -12.18
CA ASN A 373 12.50 7.88 -10.99
C ASN A 373 13.21 7.28 -9.79
N LYS A 374 12.92 7.82 -8.61
CA LYS A 374 13.49 7.35 -7.36
C LYS A 374 12.34 7.07 -6.40
N TYR A 375 12.09 5.78 -6.16
CA TYR A 375 11.10 5.31 -5.19
C TYR A 375 11.90 4.88 -3.97
N THR A 376 11.92 5.71 -2.93
CA THR A 376 12.84 5.52 -1.82
C THR A 376 12.12 5.57 -0.48
N ASN A 377 12.59 4.76 0.47
CA ASN A 377 12.09 4.80 1.84
C ASN A 377 10.57 4.62 1.85
N LEU A 378 10.12 3.51 1.26
CA LEU A 378 8.70 3.28 1.08
C LEU A 378 8.27 2.05 1.86
N THR A 379 7.10 2.13 2.48
CA THR A 379 6.49 1.00 3.18
C THR A 379 5.15 0.72 2.53
N ALA A 380 4.89 -0.55 2.25
CA ALA A 380 3.61 -0.97 1.67
C ALA A 380 3.20 -2.27 2.32
N THR A 381 2.14 -2.25 3.13
CA THR A 381 1.73 -3.43 3.89
C THR A 381 0.24 -3.68 3.68
N ASN A 382 -0.20 -4.90 4.03
CA ASN A 382 -1.60 -5.27 3.88
C ASN A 382 -2.11 -4.90 2.49
N VAL A 383 -1.40 -5.37 1.47
CA VAL A 383 -1.75 -5.06 0.08
C VAL A 383 -2.92 -5.96 -0.31
N ARG A 384 -4.09 -5.37 -0.51
CA ARG A 384 -5.30 -6.18 -0.58
C ARG A 384 -5.47 -6.87 -1.92
N ARG A 385 -4.69 -6.49 -2.91
CA ARG A 385 -4.65 -7.15 -4.21
C ARG A 385 -3.42 -6.62 -4.94
N ALA A 386 -2.76 -7.50 -5.73
CA ALA A 386 -1.59 -7.15 -6.53
C ALA A 386 -0.36 -6.93 -5.66
N ALA A 387 0.71 -6.36 -6.23
CA ALA A 387 2.00 -6.36 -5.54
C ALA A 387 2.16 -5.12 -4.67
N ALA A 388 3.00 -5.24 -3.63
CA ALA A 388 3.39 -4.06 -2.86
C ALA A 388 4.09 -3.04 -3.74
N PHE A 389 5.03 -3.50 -4.56
CA PHE A 389 5.80 -2.66 -5.47
C PHE A 389 5.76 -3.32 -6.83
N ALA A 390 5.43 -2.56 -7.87
CA ALA A 390 5.30 -3.12 -9.21
C ALA A 390 6.04 -2.24 -10.20
N VAL A 391 6.98 -2.83 -10.94
CA VAL A 391 7.68 -2.10 -11.99
C VAL A 391 7.50 -2.84 -13.30
N TYR A 392 6.90 -2.17 -14.26
CA TYR A 392 6.64 -2.71 -15.60
C TYR A 392 7.49 -1.93 -16.59
N GLY A 393 8.62 -2.52 -16.98
CA GLY A 393 9.50 -1.84 -17.92
C GLY A 393 10.15 -0.61 -17.32
N GLY A 394 10.75 0.17 -18.20
CA GLY A 394 11.42 1.40 -17.83
C GLY A 394 12.93 1.26 -17.91
N SER A 395 13.60 2.38 -17.61
CA SER A 395 15.06 2.39 -17.64
C SER A 395 15.56 3.37 -16.58
N ASP A 396 16.63 2.98 -15.88
CA ASP A 396 17.28 3.86 -14.89
C ASP A 396 16.28 4.32 -13.83
N ASN A 397 15.60 3.37 -13.23
CA ASN A 397 14.69 3.63 -12.11
C ASN A 397 15.18 2.90 -10.88
N LEU A 398 15.12 3.59 -9.74
CA LEU A 398 15.65 3.10 -8.47
C LEU A 398 14.52 2.88 -7.48
N PHE A 399 14.51 1.72 -6.84
CA PHE A 399 13.59 1.39 -5.75
C PHE A 399 14.48 1.00 -4.58
N GLN A 400 14.52 1.85 -3.54
CA GLN A 400 15.57 1.75 -2.53
C GLN A 400 14.98 1.91 -1.15
N ASN A 401 15.40 1.04 -0.22
CA ASN A 401 14.96 1.01 1.17
C ASN A 401 13.43 0.83 1.26
N LEU A 402 13.02 -0.38 0.92
CA LEU A 402 11.62 -0.75 0.87
C LEU A 402 11.27 -1.70 2.01
N TYR A 403 10.06 -1.56 2.54
CA TYR A 403 9.46 -2.57 3.40
C TYR A 403 8.11 -2.96 2.80
N GLY A 404 7.93 -4.23 2.53
CA GLY A 404 6.65 -4.73 2.04
C GLY A 404 6.22 -5.93 2.84
N ALA A 405 4.92 -6.05 3.09
CA ALA A 405 4.47 -7.17 3.90
C ALA A 405 3.01 -7.47 3.68
N ASP A 406 2.65 -8.76 3.85
CA ASP A 406 1.26 -9.20 3.96
C ASP A 406 0.44 -8.83 2.72
N THR A 407 0.89 -9.36 1.59
CA THR A 407 0.15 -9.31 0.34
C THR A 407 -0.91 -10.40 0.30
N LEU A 408 -2.11 -10.04 -0.15
CA LEU A 408 -3.16 -11.06 -0.21
C LEU A 408 -3.04 -11.97 -1.44
N THR A 409 -2.60 -11.44 -2.60
CA THR A 409 -2.70 -12.22 -3.83
C THR A 409 -1.48 -12.20 -4.75
N TYR A 410 -0.36 -11.58 -4.39
CA TYR A 410 0.64 -11.33 -5.43
C TYR A 410 1.98 -11.06 -4.74
N PRO A 411 3.06 -10.91 -5.51
CA PRO A 411 4.40 -10.73 -4.90
C PRO A 411 4.53 -9.48 -4.05
N GLY A 412 5.58 -9.46 -3.24
CA GLY A 412 6.06 -8.21 -2.67
C GLY A 412 6.53 -7.24 -3.75
N ILE A 413 7.25 -7.75 -4.74
CA ILE A 413 7.77 -6.94 -5.85
C ILE A 413 7.54 -7.72 -7.14
N THR A 414 6.83 -7.11 -8.08
CA THR A 414 6.69 -7.63 -9.44
C THR A 414 7.59 -6.83 -10.36
N ILE A 415 8.42 -7.53 -11.12
CA ILE A 415 9.31 -6.93 -12.12
C ILE A 415 8.95 -7.61 -13.43
N SER A 416 8.31 -6.88 -14.35
CA SER A 416 7.63 -7.52 -15.48
C SER A 416 7.81 -6.74 -16.77
N SER A 417 8.07 -7.47 -17.86
CA SER A 417 8.10 -6.87 -19.19
C SER A 417 6.88 -7.24 -20.01
N TYR A 418 5.76 -7.59 -19.38
CA TYR A 418 4.52 -7.78 -20.11
C TYR A 418 3.89 -6.43 -20.50
N SER A 419 3.40 -6.34 -21.75
CA SER A 419 2.94 -5.06 -22.29
C SER A 419 1.49 -4.74 -21.94
N PHE A 420 0.69 -5.74 -21.56
CA PHE A 420 -0.75 -5.58 -21.33
C PHE A 420 -1.47 -4.97 -22.53
N GLY A 421 -0.88 -5.15 -23.71
CA GLY A 421 -1.45 -4.61 -24.93
C GLY A 421 -1.14 -3.16 -25.21
N TYR A 422 -0.47 -2.46 -24.29
CA TYR A 422 -0.10 -1.08 -24.53
C TYR A 422 1.19 -1.00 -25.33
N ASN A 423 1.51 0.21 -25.76
CA ASN A 423 2.71 0.45 -26.57
C ASN A 423 3.88 0.67 -25.63
N THR A 424 4.71 -0.35 -25.44
CA THR A 424 5.87 -0.21 -24.57
C THR A 424 7.03 -1.02 -25.12
N LEU A 425 8.23 -0.58 -24.77
CA LEU A 425 9.47 -1.24 -25.20
C LEU A 425 10.00 -2.20 -24.14
N GLY A 426 9.31 -2.35 -23.00
CA GLY A 426 9.88 -3.16 -21.93
C GLY A 426 10.92 -2.41 -21.13
N PHE A 427 11.92 -3.14 -20.63
CA PHE A 427 13.02 -2.53 -19.92
C PHE A 427 14.05 -1.98 -20.90
N GLY A 428 14.73 -0.92 -20.48
CA GLY A 428 15.69 -0.22 -21.31
C GLY A 428 17.12 -0.65 -21.03
N ASP A 429 18.06 0.22 -21.41
CA ASP A 429 19.47 -0.12 -21.38
C ASP A 429 20.18 0.29 -20.10
N GLN A 430 19.49 0.89 -19.14
CA GLN A 430 20.08 1.22 -17.85
C GLN A 430 19.31 0.50 -16.75
N ASP A 431 20.02 0.18 -15.67
CA ASP A 431 19.50 -0.71 -14.64
C ASP A 431 18.21 -0.20 -14.02
N THR A 432 17.29 -1.13 -13.81
CA THR A 432 16.22 -0.98 -12.84
C THR A 432 16.70 -1.65 -11.57
N VAL A 433 16.81 -0.89 -10.48
CA VAL A 433 17.53 -1.33 -9.29
C VAL A 433 16.54 -1.45 -8.13
N ILE A 434 16.53 -2.62 -7.50
CA ILE A 434 15.92 -2.81 -6.18
C ILE A 434 17.07 -2.94 -5.20
N ASP A 435 17.20 -1.99 -4.28
CA ASP A 435 18.37 -1.94 -3.40
C ASP A 435 17.92 -1.69 -1.97
N GLY A 436 17.98 -2.73 -1.15
CA GLY A 436 17.59 -2.60 0.24
C GLY A 436 16.11 -2.81 0.43
N ALA A 437 15.69 -4.04 0.71
CA ALA A 437 14.27 -4.28 0.86
C ALA A 437 14.06 -5.42 1.84
N THR A 438 13.04 -5.30 2.67
CA THR A 438 12.59 -6.38 3.52
C THR A 438 11.16 -6.72 3.12
N LEU A 439 10.92 -8.00 2.82
CA LEU A 439 9.62 -8.47 2.35
C LEU A 439 9.17 -9.58 3.29
N ASP A 440 8.11 -9.32 4.08
CA ASP A 440 7.63 -10.26 5.10
C ASP A 440 6.29 -10.84 4.65
N ARG A 441 6.21 -12.16 4.56
CA ARG A 441 4.94 -12.84 4.25
C ARG A 441 4.30 -12.29 2.97
N THR A 442 5.11 -12.21 1.91
CA THR A 442 4.61 -11.75 0.62
C THR A 442 4.51 -12.89 -0.38
N GLY A 443 3.77 -12.63 -1.46
CA GLY A 443 3.31 -13.68 -2.37
C GLY A 443 1.83 -13.96 -2.18
N GLY A 444 1.34 -14.92 -2.94
CA GLY A 444 -0.06 -15.28 -2.88
C GLY A 444 -0.51 -16.02 -4.12
N ASP A 445 -1.82 -16.19 -4.23
CA ASP A 445 -2.46 -16.93 -5.32
C ASP A 445 -3.19 -15.98 -6.25
N PHE A 446 -3.08 -16.23 -7.56
CA PHE A 446 -3.85 -15.45 -8.54
C PHE A 446 -3.86 -16.20 -9.86
N TRP A 447 -4.76 -15.78 -10.75
CA TRP A 447 -4.93 -16.43 -12.06
C TRP A 447 -5.30 -17.90 -11.91
N THR A 448 -5.09 -18.69 -12.96
CA THR A 448 -5.40 -20.12 -12.97
C THR A 448 -4.18 -20.90 -13.44
N SER A 449 -4.11 -22.17 -13.05
CA SER A 449 -2.97 -23.03 -13.34
C SER A 449 -3.41 -24.34 -13.97
N VAL A 450 -4.35 -24.29 -14.92
CA VAL A 450 -4.80 -25.50 -15.60
C VAL A 450 -3.65 -26.12 -16.38
N GLY A 451 -3.39 -27.40 -16.14
CA GLY A 451 -2.31 -28.09 -16.82
C GLY A 451 -0.92 -27.71 -16.37
N ALA A 452 -0.80 -27.11 -15.18
CA ALA A 452 0.49 -26.60 -14.72
C ALA A 452 1.37 -27.71 -14.16
N ASP A 453 2.68 -27.49 -14.27
CA ASP A 453 3.68 -28.21 -13.51
C ASP A 453 3.72 -27.69 -12.07
N ASP A 454 4.19 -28.53 -11.15
CA ASP A 454 4.38 -28.12 -9.75
C ASP A 454 3.08 -27.55 -9.20
N LYS A 455 2.00 -28.31 -9.39
CA LYS A 455 0.66 -27.83 -9.09
C LYS A 455 0.29 -28.14 -7.65
N ILE A 456 -0.16 -27.11 -6.93
CA ILE A 456 -0.57 -27.29 -5.55
C ILE A 456 -1.99 -26.82 -5.29
N ASN A 457 -2.60 -26.05 -6.19
CA ASN A 457 -3.97 -25.59 -6.05
C ASN A 457 -4.41 -25.07 -7.41
N GLU A 458 -5.59 -24.44 -7.45
CA GLU A 458 -6.21 -24.01 -8.69
C GLU A 458 -5.61 -22.73 -9.25
N TYR A 459 -4.64 -22.14 -8.56
CA TYR A 459 -4.11 -20.84 -8.93
C TYR A 459 -2.68 -20.96 -9.43
N GLN A 460 -2.21 -19.90 -10.06
CA GLN A 460 -0.77 -19.67 -10.12
C GLN A 460 -0.31 -19.16 -8.76
N ASN A 461 0.95 -19.41 -8.43
CA ASN A 461 1.47 -19.21 -7.09
C ASN A 461 2.67 -18.29 -7.16
N PHE A 462 2.66 -17.21 -6.38
CA PHE A 462 3.59 -16.12 -6.59
C PHE A 462 4.58 -15.98 -5.44
N GLY A 463 5.86 -15.85 -5.80
CA GLY A 463 6.92 -15.66 -4.84
C GLY A 463 6.99 -14.22 -4.36
N ALA A 464 7.91 -13.98 -3.41
CA ALA A 464 8.08 -12.64 -2.87
C ALA A 464 8.50 -11.65 -3.94
N ILE A 465 9.40 -12.07 -4.84
CA ILE A 465 9.76 -11.29 -6.02
C ILE A 465 9.51 -12.14 -7.25
N TRP A 466 8.76 -11.60 -8.19
CA TRP A 466 8.44 -12.26 -9.45
C TRP A 466 9.15 -11.51 -10.56
N ILE A 467 10.06 -12.19 -11.26
CA ILE A 467 10.76 -11.65 -12.40
C ILE A 467 10.15 -12.31 -13.62
N TYR A 468 9.32 -11.56 -14.35
CA TYR A 468 8.48 -12.10 -15.41
C TYR A 468 8.86 -11.47 -16.74
N GLY A 469 9.50 -12.26 -17.61
CA GLY A 469 9.71 -11.81 -18.97
C GLY A 469 8.43 -11.99 -19.76
N GLY A 470 7.87 -10.90 -20.27
CA GLY A 470 6.62 -10.96 -21.00
C GLY A 470 6.83 -10.94 -22.49
N ASP A 471 6.19 -10.01 -23.18
CA ASP A 471 6.33 -9.90 -24.63
C ASP A 471 7.34 -8.85 -25.05
N ARG A 472 7.92 -8.12 -24.09
CA ARG A 472 8.92 -7.10 -24.38
C ARG A 472 10.23 -7.42 -23.67
N ALA A 473 11.25 -6.63 -23.99
CA ALA A 473 12.61 -6.87 -23.50
C ALA A 473 12.64 -6.88 -21.99
N ILE A 474 13.35 -7.86 -21.44
CA ILE A 474 13.53 -8.02 -19.99
C ILE A 474 15.04 -8.05 -19.75
N LYS A 475 15.56 -6.97 -19.19
CA LYS A 475 17.01 -6.79 -19.14
C LYS A 475 17.36 -5.72 -18.11
N ASN A 476 18.59 -5.81 -17.62
CA ASN A 476 19.19 -4.78 -16.77
C ASN A 476 18.37 -4.60 -15.49
N ILE A 477 18.31 -5.68 -14.73
CA ILE A 477 17.60 -5.75 -13.44
C ILE A 477 18.61 -6.14 -12.38
N LEU A 478 18.74 -5.32 -11.36
CA LEU A 478 19.64 -5.56 -10.23
C LEU A 478 18.83 -5.59 -8.94
N ILE A 479 18.87 -6.73 -8.26
CA ILE A 479 18.15 -6.95 -7.00
C ILE A 479 19.22 -7.18 -5.94
N LYS A 480 19.35 -6.25 -4.99
CA LYS A 480 20.42 -6.41 -4.02
C LYS A 480 19.98 -5.96 -2.64
N ASN A 481 20.56 -6.61 -1.63
CA ASN A 481 20.37 -6.25 -0.22
C ASN A 481 18.91 -6.43 0.20
N VAL A 482 18.42 -7.65 0.03
CA VAL A 482 17.01 -7.97 0.25
C VAL A 482 16.91 -9.09 1.27
N ASP A 483 16.03 -8.92 2.25
CA ASP A 483 15.70 -9.97 3.18
C ASP A 483 14.24 -10.35 2.94
N ILE A 484 14.02 -11.64 2.66
CA ILE A 484 12.70 -12.17 2.34
C ILE A 484 12.36 -13.15 3.45
N ASN A 485 11.40 -12.78 4.30
CA ASN A 485 11.06 -13.55 5.48
C ASN A 485 9.71 -14.21 5.32
N ASN A 486 9.66 -15.53 5.50
CA ASN A 486 8.43 -16.30 5.50
CA ASN A 486 8.43 -16.29 5.51
C ASN A 486 7.53 -15.96 4.30
N PRO A 487 8.06 -15.98 3.08
CA PRO A 487 7.20 -15.77 1.92
C PRO A 487 6.19 -16.90 1.84
N VAL A 488 5.02 -16.60 1.29
CA VAL A 488 3.94 -17.59 1.21
C VAL A 488 4.43 -18.87 0.56
N TYR A 489 5.19 -18.75 -0.52
CA TYR A 489 5.62 -19.90 -1.31
C TYR A 489 7.11 -19.90 -1.61
N PHE A 490 7.62 -18.82 -2.19
CA PHE A 490 8.98 -18.78 -2.75
C PHE A 490 9.62 -17.43 -2.46
N GLY A 491 10.95 -17.40 -2.44
CA GLY A 491 11.66 -16.14 -2.37
C GLY A 491 11.70 -15.42 -3.71
N LEU A 492 12.35 -16.04 -4.70
CA LEU A 492 12.51 -15.48 -6.03
C LEU A 492 11.87 -16.42 -7.04
N MET A 493 11.09 -15.87 -7.96
CA MET A 493 10.35 -16.65 -8.95
C MET A 493 10.60 -16.06 -10.33
N PHE A 494 11.25 -16.84 -11.20
CA PHE A 494 11.60 -16.41 -12.54
C PHE A 494 10.71 -17.13 -13.56
N GLN A 495 10.25 -16.40 -14.57
CA GLN A 495 9.30 -16.98 -15.52
C GLN A 495 9.38 -16.23 -16.84
N SER A 496 9.29 -16.97 -17.95
CA SER A 496 9.23 -16.42 -19.30
C SER A 496 7.89 -16.76 -19.93
N MET A 497 7.22 -15.74 -20.48
CA MET A 497 6.03 -15.97 -21.27
C MET A 497 6.38 -16.67 -22.58
N SER A 498 5.68 -17.81 -22.87
CA SER A 498 5.70 -18.53 -24.14
C SER A 498 4.61 -17.98 -25.06
N PRO A 499 4.85 -17.94 -26.37
CA PRO A 499 6.05 -18.40 -27.07
C PRO A 499 7.09 -17.30 -27.28
N ASN A 500 6.85 -16.11 -26.71
CA ASN A 500 7.74 -14.99 -26.93
C ASN A 500 9.17 -15.31 -26.52
N ASN A 501 9.33 -15.95 -25.36
CA ASN A 501 10.63 -16.46 -24.89
C ASN A 501 11.71 -15.39 -24.99
N MET A 502 11.39 -14.21 -24.44
CA MET A 502 12.36 -13.12 -24.42
C MET A 502 13.56 -13.50 -23.54
N VAL A 503 14.76 -13.32 -24.07
CA VAL A 503 15.95 -13.76 -23.34
C VAL A 503 16.27 -12.74 -22.25
N MET A 504 16.14 -13.15 -20.99
CA MET A 504 16.52 -12.27 -19.87
C MET A 504 18.03 -12.04 -19.89
N GLN A 505 18.44 -10.75 -19.84
CA GLN A 505 19.87 -10.42 -19.83
C GLN A 505 20.18 -9.44 -18.70
N ASN A 506 21.39 -9.57 -18.15
CA ASN A 506 21.84 -8.73 -17.03
C ASN A 506 20.80 -8.71 -15.90
N ILE A 507 20.41 -9.90 -15.45
CA ILE A 507 19.57 -10.07 -14.26
C ILE A 507 20.48 -10.54 -13.14
N ARG A 508 20.67 -9.73 -12.11
CA ARG A 508 21.64 -10.05 -11.06
C ARG A 508 21.00 -9.89 -9.69
N VAL A 509 21.32 -10.83 -8.79
CA VAL A 509 20.79 -10.89 -7.43
C VAL A 509 21.99 -10.94 -6.49
N GLU A 510 22.07 -10.01 -5.53
CA GLU A 510 23.23 -9.89 -4.64
C GLU A 510 22.79 -9.63 -3.20
N ASN A 511 23.38 -10.36 -2.26
CA ASN A 511 23.16 -10.13 -0.83
C ASN A 511 21.67 -10.25 -0.48
N VAL A 512 21.15 -11.47 -0.65
CA VAL A 512 19.74 -11.74 -0.44
C VAL A 512 19.64 -12.92 0.52
N ASN A 513 18.78 -12.79 1.52
CA ASN A 513 18.45 -13.88 2.44
C ASN A 513 17.00 -14.27 2.24
N ILE A 514 16.75 -15.55 2.05
CA ILE A 514 15.39 -16.07 1.87
C ILE A 514 15.15 -17.05 3.01
N ASN A 515 14.28 -16.67 3.94
CA ASN A 515 14.14 -17.37 5.21
C ASN A 515 12.79 -18.07 5.27
N ASN A 516 12.81 -19.37 5.51
CA ASN A 516 11.61 -20.18 5.70
C ASN A 516 10.55 -20.07 4.60
N PRO A 517 10.93 -20.15 3.33
CA PRO A 517 9.89 -20.26 2.28
C PRO A 517 9.19 -21.60 2.38
N SER A 518 7.87 -21.60 2.22
CA SER A 518 7.12 -22.84 2.45
C SER A 518 7.45 -23.89 1.40
N ARG A 519 7.79 -23.48 0.18
CA ARG A 519 8.11 -24.42 -0.88
C ARG A 519 9.59 -24.34 -1.24
N TYR A 520 10.02 -23.31 -1.97
CA TYR A 520 11.38 -23.20 -2.48
C TYR A 520 11.95 -21.81 -2.23
N GLY A 521 13.26 -21.74 -2.03
CA GLY A 521 13.91 -20.45 -2.06
C GLY A 521 13.77 -19.76 -3.41
N ILE A 522 14.10 -20.49 -4.47
CA ILE A 522 14.08 -19.97 -5.84
C ILE A 522 13.26 -20.94 -6.68
N LYS A 523 12.33 -20.41 -7.47
CA LYS A 523 11.58 -21.22 -8.41
C LYS A 523 11.81 -20.69 -9.82
N LEU A 524 12.33 -21.54 -10.70
CA LEU A 524 12.28 -21.29 -12.13
C LEU A 524 11.01 -21.95 -12.64
N VAL A 525 10.04 -21.15 -13.07
CA VAL A 525 8.74 -21.68 -13.47
C VAL A 525 8.93 -22.49 -14.75
N VAL A 526 8.53 -23.76 -14.70
CA VAL A 526 8.71 -24.68 -15.82
C VAL A 526 7.49 -24.68 -16.75
N ARG A 527 6.28 -24.71 -16.16
CA ARG A 527 5.05 -24.72 -16.94
C ARG A 527 3.98 -24.09 -16.04
N ALA A 528 3.75 -22.79 -16.21
CA ALA A 528 2.81 -22.07 -15.34
C ALA A 528 1.38 -22.55 -15.55
N GLU A 529 1.06 -23.01 -16.76
CA GLU A 529 -0.25 -23.45 -17.16
C GLU A 529 -0.11 -24.05 -18.55
N GLN A 530 -1.19 -24.63 -19.05
CA GLN A 530 -1.16 -25.27 -20.37
C GLN A 530 -0.62 -24.30 -21.42
N GLY A 531 0.30 -24.79 -22.24
CA GLY A 531 0.87 -24.01 -23.32
C GLY A 531 2.07 -23.16 -22.95
N GLN A 532 2.45 -23.13 -21.68
CA GLN A 532 3.55 -22.29 -21.23
C GLN A 532 4.77 -23.15 -20.91
N GLY A 533 5.95 -22.58 -21.11
CA GLY A 533 7.19 -23.30 -20.91
C GLY A 533 8.16 -22.57 -20.01
N PRO A 534 9.42 -23.01 -19.99
CA PRO A 534 10.39 -22.53 -19.00
C PRO A 534 11.05 -21.21 -19.39
N ALA A 535 11.94 -20.76 -18.51
CA ALA A 535 12.51 -19.42 -18.61
C ALA A 535 13.69 -19.39 -19.58
N TYR A 536 13.89 -18.22 -20.18
CA TYR A 536 14.94 -18.02 -21.19
C TYR A 536 15.92 -16.96 -20.71
N GLY A 537 17.21 -17.27 -20.82
CA GLY A 537 18.25 -16.33 -20.48
C GLY A 537 19.05 -16.81 -19.30
N GLY A 538 19.06 -16.05 -18.22
CA GLY A 538 19.76 -16.48 -17.02
C GLY A 538 19.73 -15.39 -15.97
N ALA A 539 20.29 -15.74 -14.81
CA ALA A 539 20.44 -14.78 -13.72
C ALA A 539 21.66 -15.16 -12.91
N SER A 540 22.31 -14.15 -12.33
CA SER A 540 23.48 -14.36 -11.49
CA SER A 540 23.49 -14.35 -11.49
C SER A 540 23.11 -14.15 -10.03
N PHE A 541 23.75 -14.93 -9.17
CA PHE A 541 23.47 -14.92 -7.73
C PHE A 541 24.78 -14.81 -6.98
N THR A 542 24.89 -13.78 -6.14
CA THR A 542 26.04 -13.58 -5.28
C THR A 542 25.53 -13.42 -3.86
N ASN A 543 26.05 -14.24 -2.95
CA ASN A 543 25.70 -14.15 -1.53
CA ASN A 543 25.70 -14.15 -1.53
C ASN A 543 24.18 -14.23 -1.33
N VAL A 544 23.58 -15.22 -1.97
CA VAL A 544 22.14 -15.49 -1.82
C VAL A 544 22.00 -16.72 -0.96
N LYS A 545 21.43 -16.55 0.24
CA LYS A 545 21.25 -17.64 1.19
C LYS A 545 19.79 -18.07 1.21
N VAL A 546 19.55 -19.38 1.12
CA VAL A 546 18.22 -19.95 1.28
C VAL A 546 18.25 -20.78 2.56
N ASN A 547 17.40 -20.41 3.52
CA ASN A 547 17.43 -20.99 4.85
C ASN A 547 16.11 -21.67 5.16
N ASN A 548 16.18 -22.96 5.47
CA ASN A 548 15.02 -23.74 5.88
C ASN A 548 13.85 -23.71 4.88
N PRO A 549 14.09 -24.04 3.60
CA PRO A 549 12.96 -24.17 2.68
C PRO A 549 12.13 -25.39 3.01
N GLY A 550 10.82 -25.28 2.75
CA GLY A 550 9.93 -26.38 3.07
C GLY A 550 10.22 -27.63 2.24
N ILE A 551 10.55 -27.45 0.98
CA ILE A 551 10.83 -28.57 0.07
C ILE A 551 12.29 -28.62 -0.32
N SER A 552 12.77 -27.60 -1.02
CA SER A 552 14.17 -27.57 -1.44
C SER A 552 14.55 -26.13 -1.76
N ALA A 553 15.85 -25.90 -1.86
CA ALA A 553 16.34 -24.53 -2.04
C ALA A 553 15.94 -23.96 -3.39
N ILE A 554 16.07 -24.74 -4.47
CA ILE A 554 15.74 -24.26 -5.81
C ILE A 554 14.97 -25.34 -6.55
N TYR A 555 13.91 -24.93 -7.23
CA TYR A 555 13.12 -25.78 -8.11
C TYR A 555 13.23 -25.30 -9.56
N GLY A 556 13.36 -26.25 -10.48
CA GLY A 556 13.23 -25.99 -11.90
C GLY A 556 14.51 -25.93 -12.70
N GLU A 557 15.67 -26.01 -12.05
CA GLU A 557 16.93 -25.75 -12.76
C GLU A 557 17.19 -26.79 -13.84
N ALA A 558 16.98 -28.08 -13.54
CA ALA A 558 17.26 -29.11 -14.53
C ALA A 558 16.23 -29.10 -15.65
N GLN A 559 15.03 -28.61 -15.39
CA GLN A 559 13.95 -28.55 -16.37
C GLN A 559 13.92 -27.26 -17.16
N SER A 560 14.91 -26.39 -17.00
CA SER A 560 14.95 -25.09 -17.69
C SER A 560 16.23 -25.02 -18.52
N PRO A 561 16.27 -25.73 -19.65
CA PRO A 561 17.52 -25.83 -20.43
C PRO A 561 17.89 -24.56 -21.15
N ASN A 562 17.01 -23.58 -21.23
CA ASN A 562 17.29 -22.30 -21.88
C ASN A 562 17.67 -21.22 -20.88
N PHE A 563 17.83 -21.56 -19.60
CA PHE A 563 18.08 -20.61 -18.52
C PHE A 563 19.32 -21.03 -17.75
N THR A 564 20.27 -20.10 -17.58
CA THR A 564 21.50 -20.41 -16.88
C THR A 564 21.53 -19.70 -15.52
N VAL A 565 21.51 -20.50 -14.46
CA VAL A 565 21.76 -20.01 -13.11
C VAL A 565 23.27 -19.90 -12.92
N THR A 566 23.75 -18.71 -12.60
CA THR A 566 25.17 -18.49 -12.35
C THR A 566 25.37 -18.25 -10.86
N ARG A 567 26.02 -19.20 -10.19
CA ARG A 567 26.35 -19.07 -8.77
C ARG A 567 27.74 -18.44 -8.69
N VAL A 568 27.77 -17.12 -8.54
CA VAL A 568 29.05 -16.41 -8.54
C VAL A 568 29.87 -16.81 -7.32
N SER A 569 29.31 -16.63 -6.13
CA SER A 569 29.97 -16.89 -4.86
C SER A 569 28.95 -16.73 -3.75
N GLY A 570 29.23 -17.37 -2.61
CA GLY A 570 28.49 -17.12 -1.39
C GLY A 570 27.08 -17.68 -1.33
N ASN A 571 26.73 -18.62 -2.21
CA ASN A 571 25.40 -19.22 -2.22
C ASN A 571 25.42 -20.57 -1.52
N ASN A 572 24.40 -20.86 -0.72
CA ASN A 572 24.32 -22.14 -0.02
C ASN A 572 23.34 -23.10 -0.70
N TRP A 573 23.30 -23.08 -2.02
CA TRP A 573 22.38 -23.90 -2.81
C TRP A 573 22.93 -24.06 -4.23
#